data_3IKF
#
_entry.id   3IKF
#
_cell.length_a   117.010
_cell.length_b   67.650
_cell.length_c   60.090
_cell.angle_alpha   90.000
_cell.angle_beta   96.270
_cell.angle_gamma   90.000
#
_symmetry.space_group_name_H-M   'C 1 2 1'
#
loop_
_entity.id
_entity.type
_entity.pdbx_description
1 polymer '2-C-methyl-D-erythritol 2,4-cyclodiphosphate synthase'
2 non-polymer 'ZINC ION'
3 non-polymer imidazo[2,1-b][1,3]thiazol-6-ylmethanol
4 non-polymer 'CHLORIDE ION'
5 non-polymer 'ACETATE ION'
6 non-polymer 'POTASSIUM ION'
7 water water
#
_entity_poly.entity_id   1
_entity_poly.type   'polypeptide(L)'
_entity_poly.pdbx_seq_one_letter_code
;GPGSMDFRIGQGYDVHQLVPGRPLIIGGVTIPYERGLLGHSDADVLLHAITDALFGAAALGDIGRHFSDTDPRFKGADSR
ALLRECASRVAQAGFAIRNVDSTIIAQAPKLAPHIDAMRANIAADLDLPLDRVNVKAKTNEKLGYLGRGEGIEAQAAALV
VREAAA
;
_entity_poly.pdbx_strand_id   A,B,C
#
# COMPACT_ATOMS: atom_id res chain seq x y z
N MET A 5 18.95 14.77 -6.66
CA MET A 5 17.92 13.86 -7.20
C MET A 5 17.92 12.47 -6.50
N ASP A 6 18.36 12.44 -5.25
CA ASP A 6 18.35 11.20 -4.48
C ASP A 6 16.97 10.94 -3.80
N PHE A 7 15.98 10.55 -4.61
CA PHE A 7 14.62 10.34 -4.13
C PHE A 7 14.44 8.98 -3.45
N ARG A 8 13.53 8.92 -2.47
CA ARG A 8 13.17 7.66 -1.83
C ARG A 8 11.66 7.66 -1.58
N ILE A 9 11.04 6.48 -1.68
CA ILE A 9 9.65 6.34 -1.27
C ILE A 9 9.47 5.46 -0.03
N GLY A 10 8.39 5.72 0.68
CA GLY A 10 8.01 4.92 1.83
C GLY A 10 6.51 4.70 1.76
N GLN A 11 6.03 3.70 2.50
CA GLN A 11 4.62 3.38 2.57
C GLN A 11 4.28 2.94 3.99
N GLY A 12 3.05 3.15 4.39
CA GLY A 12 2.67 2.94 5.77
C GLY A 12 1.28 2.36 5.85
N TYR A 13 1.07 1.58 6.92
CA TYR A 13 -0.19 0.91 7.21
C TYR A 13 -0.44 0.97 8.70
N ASP A 14 -1.69 1.20 9.09
CA ASP A 14 -2.08 1.06 10.47
C ASP A 14 -3.57 0.69 10.61
N VAL A 15 -3.92 -0.02 11.68
CA VAL A 15 -5.34 -0.25 12.00
C VAL A 15 -5.46 -0.22 13.51
N HIS A 16 -6.53 0.37 14.02
CA HIS A 16 -6.87 0.32 15.45
C HIS A 16 -8.33 -0.09 15.57
N GLN A 17 -8.66 -0.73 16.69
CA GLN A 17 -10.04 -1.06 17.00
C GLN A 17 -10.80 0.18 17.37
N LEU A 18 -12.07 0.19 16.99
CA LEU A 18 -12.99 1.24 17.34
C LEU A 18 -13.83 0.77 18.57
N VAL A 19 -13.64 1.44 19.72
CA VAL A 19 -14.30 1.04 20.98
C VAL A 19 -15.08 2.18 21.63
N PRO A 20 -16.05 1.85 22.51
CA PRO A 20 -16.72 2.86 23.32
C PRO A 20 -15.74 3.54 24.31
N GLY A 21 -16.07 4.76 24.73
CA GLY A 21 -15.31 5.46 25.78
C GLY A 21 -13.92 6.01 25.44
N ARG A 22 -13.56 6.02 24.16
CA ARG A 22 -12.29 6.62 23.71
C ARG A 22 -12.57 7.79 22.76
N PRO A 23 -11.71 8.82 22.76
CA PRO A 23 -11.85 9.90 21.80
C PRO A 23 -11.53 9.38 20.42
N LEU A 24 -12.25 9.86 19.41
CA LEU A 24 -11.93 9.54 18.02
C LEU A 24 -11.02 10.64 17.46
N ILE A 25 -9.73 10.32 17.34
CA ILE A 25 -8.74 11.26 16.84
C ILE A 25 -8.06 10.67 15.61
N ILE A 26 -8.29 11.31 14.44
CA ILE A 26 -7.72 10.87 13.16
C ILE A 26 -7.16 12.09 12.48
N GLY A 27 -5.90 12.03 12.05
CA GLY A 27 -5.26 13.19 11.44
C GLY A 27 -5.17 14.38 12.37
N GLY A 28 -5.13 14.09 13.68
CA GLY A 28 -5.05 15.16 14.70
C GLY A 28 -6.40 15.82 14.97
N VAL A 29 -7.43 15.43 14.23
CA VAL A 29 -8.77 15.98 14.39
C VAL A 29 -9.59 15.12 15.38
N THR A 30 -10.07 15.73 16.46
CA THR A 30 -11.03 15.10 17.35
C THR A 30 -12.41 15.20 16.70
N ILE A 31 -12.95 14.04 16.34
CA ILE A 31 -14.22 13.91 15.61
C ILE A 31 -15.30 13.47 16.62
N PRO A 32 -16.41 14.24 16.71
CA PRO A 32 -17.53 13.87 17.58
C PRO A 32 -18.06 12.52 17.15
N TYR A 33 -18.01 11.55 18.06
CA TYR A 33 -18.43 10.20 17.77
C TYR A 33 -18.54 9.44 19.08
N GLU A 34 -19.49 8.51 19.16
CA GLU A 34 -19.72 7.72 20.39
C GLU A 34 -18.62 6.69 20.66
N ARG A 35 -17.76 6.47 19.66
CA ARG A 35 -16.67 5.55 19.82
C ARG A 35 -15.35 6.23 19.41
N GLY A 36 -14.22 5.63 19.77
CA GLY A 36 -12.91 6.16 19.41
C GLY A 36 -11.94 5.05 19.19
N LEU A 37 -10.70 5.40 18.87
CA LEU A 37 -9.75 4.37 18.51
C LEU A 37 -8.96 3.92 19.71
N LEU A 38 -8.70 2.62 19.78
CA LEU A 38 -8.04 2.06 20.95
C LEU A 38 -6.57 1.87 20.69
N GLY A 39 -5.75 2.43 21.54
CA GLY A 39 -4.31 2.19 21.49
C GLY A 39 -3.66 2.75 22.74
N HIS A 40 -2.35 2.52 22.83
CA HIS A 40 -1.48 3.05 23.89
C HIS A 40 -1.35 4.59 23.87
N SER A 41 -1.06 5.15 22.69
CA SER A 41 -1.05 6.60 22.47
C SER A 41 -2.48 7.03 22.19
N ASP A 42 -2.67 8.22 21.62
CA ASP A 42 -4.03 8.66 21.24
C ASP A 42 -4.64 7.84 20.11
N ALA A 43 -3.86 6.88 19.59
CA ALA A 43 -4.34 5.86 18.62
C ALA A 43 -4.72 6.43 17.23
N ASP A 44 -4.10 7.55 16.88
CA ASP A 44 -4.39 8.24 15.63
C ASP A 44 -3.85 7.43 14.45
N VAL A 45 -4.73 6.61 13.87
CA VAL A 45 -4.32 5.61 12.87
C VAL A 45 -3.71 6.27 11.60
N LEU A 46 -4.24 7.42 11.20
CA LEU A 46 -3.77 8.08 10.01
C LEU A 46 -2.37 8.62 10.24
N LEU A 47 -2.16 9.32 11.33
CA LEU A 47 -0.83 9.86 11.59
C LEU A 47 0.25 8.79 11.78
N HIS A 48 -0.12 7.65 12.36
CA HIS A 48 0.82 6.54 12.54
C HIS A 48 1.25 5.97 11.19
N ALA A 49 0.26 5.80 10.30
CA ALA A 49 0.51 5.32 8.96
C ALA A 49 1.45 6.29 8.20
N ILE A 50 1.22 7.59 8.34
CA ILE A 50 2.10 8.59 7.65
C ILE A 50 3.51 8.59 8.26
N THR A 51 3.58 8.46 9.59
CA THR A 51 4.82 8.38 10.32
C THR A 51 5.65 7.16 9.85
N ASP A 52 4.96 6.02 9.70
CA ASP A 52 5.61 4.83 9.18
C ASP A 52 6.13 5.01 7.76
N ALA A 53 5.33 5.64 6.89
CA ALA A 53 5.75 5.94 5.51
C ALA A 53 7.03 6.79 5.49
N LEU A 54 7.11 7.76 6.40
CA LEU A 54 8.25 8.68 6.47
C LEU A 54 9.51 7.98 6.98
N PHE A 55 9.40 7.28 8.10
CA PHE A 55 10.54 6.48 8.59
C PHE A 55 11.00 5.48 7.53
N GLY A 56 10.03 4.86 6.84
CA GLY A 56 10.32 3.90 5.79
C GLY A 56 11.10 4.46 4.61
N ALA A 57 10.69 5.62 4.11
CA ALA A 57 11.40 6.35 3.04
C ALA A 57 12.86 6.71 3.39
N ALA A 58 13.08 7.13 4.64
CA ALA A 58 14.41 7.51 5.13
C ALA A 58 15.23 6.29 5.57
N ALA A 59 14.63 5.10 5.43
CA ALA A 59 15.15 3.82 5.98
C ALA A 59 15.55 3.88 7.45
N LEU A 60 14.63 4.31 8.31
CA LEU A 60 14.95 4.52 9.71
C LEU A 60 14.21 3.54 10.61
N GLY A 61 13.62 2.51 10.02
CA GLY A 61 12.86 1.53 10.79
C GLY A 61 11.37 1.87 10.77
N ASP A 62 10.75 1.87 11.93
CA ASP A 62 9.30 2.01 11.97
C ASP A 62 8.85 2.70 13.25
N ILE A 63 7.57 3.05 13.31
CA ILE A 63 7.01 3.83 14.41
C ILE A 63 6.94 2.97 15.68
N GLY A 64 6.69 1.67 15.51
CA GLY A 64 6.62 0.74 16.65
C GLY A 64 7.92 0.71 17.42
N ARG A 65 9.02 1.02 16.73
CA ARG A 65 10.36 1.06 17.30
C ARG A 65 10.79 2.44 17.85
N HIS A 66 10.54 3.51 17.09
CA HIS A 66 10.88 4.84 17.54
C HIS A 66 9.99 5.24 18.70
N PHE A 67 8.73 4.82 18.68
CA PHE A 67 7.72 5.25 19.65
C PHE A 67 6.90 4.04 20.16
N SER A 68 7.57 3.16 20.90
CA SER A 68 7.01 1.85 21.29
C SER A 68 5.69 1.87 22.07
N ASP A 69 4.77 0.96 21.74
CA ASP A 69 3.51 0.88 22.46
C ASP A 69 3.67 0.18 23.81
N THR A 70 4.90 -0.23 24.10
CA THR A 70 5.23 -0.79 25.41
C THR A 70 5.91 0.22 26.34
N ASP A 71 6.34 1.37 25.79
CA ASP A 71 7.01 2.41 26.57
C ASP A 71 5.97 3.35 27.21
N PRO A 72 5.91 3.39 28.56
CA PRO A 72 4.86 4.15 29.26
C PRO A 72 4.80 5.66 28.94
N ARG A 73 5.94 6.24 28.57
CA ARG A 73 6.01 7.66 28.24
C ARG A 73 5.09 8.04 27.06
N PHE A 74 4.69 7.03 26.28
CA PHE A 74 3.85 7.29 25.11
C PHE A 74 2.39 6.99 25.38
N LYS A 75 2.02 6.85 26.66
CA LYS A 75 0.64 6.57 27.03
C LYS A 75 -0.18 7.83 26.78
N GLY A 76 -1.23 7.70 25.97
CA GLY A 76 -2.05 8.85 25.59
C GLY A 76 -1.27 9.89 24.79
N ALA A 77 -0.08 9.53 24.32
CA ALA A 77 0.75 10.44 23.54
C ALA A 77 0.03 11.08 22.33
N ASP A 78 0.34 12.34 22.10
CA ASP A 78 -0.20 13.12 21.00
C ASP A 78 0.56 12.67 19.77
N SER A 79 -0.15 12.06 18.82
CA SER A 79 0.48 11.53 17.62
C SER A 79 0.95 12.60 16.63
N ARG A 80 0.48 13.83 16.81
CA ARG A 80 1.03 14.96 16.09
C ARG A 80 2.44 15.28 16.61
N ALA A 81 2.63 15.26 17.93
CA ALA A 81 4.00 15.38 18.49
C ALA A 81 4.89 14.28 17.97
N LEU A 82 4.36 13.07 17.87
CA LEU A 82 5.11 11.94 17.34
C LEU A 82 5.47 12.15 15.85
N LEU A 83 4.49 12.58 15.05
CA LEU A 83 4.77 12.89 13.64
C LEU A 83 5.84 13.99 13.47
N ARG A 84 5.75 15.03 14.31
CA ARG A 84 6.72 16.11 14.25
C ARG A 84 8.12 15.61 14.62
N GLU A 85 8.20 14.69 15.57
CA GLU A 85 9.51 14.14 15.96
C GLU A 85 10.07 13.27 14.83
N CYS A 86 9.20 12.45 14.24
CA CYS A 86 9.55 11.67 13.05
C CYS A 86 10.14 12.56 11.98
N ALA A 87 9.46 13.66 11.67
CA ALA A 87 9.87 14.55 10.62
C ALA A 87 11.22 15.16 10.98
N SER A 88 11.41 15.44 12.26
CA SER A 88 12.67 15.95 12.76
C SER A 88 13.82 14.93 12.58
N ARG A 89 13.54 13.65 12.84
CA ARG A 89 14.53 12.59 12.62
C ARG A 89 14.85 12.35 11.13
N VAL A 90 13.82 12.36 10.30
CA VAL A 90 13.97 12.27 8.84
C VAL A 90 14.85 13.41 8.31
N ALA A 91 14.66 14.63 8.85
CA ALA A 91 15.47 15.79 8.50
C ALA A 91 16.89 15.58 8.96
N GLN A 92 17.04 15.02 10.16
CA GLN A 92 18.33 14.77 10.77
C GLN A 92 19.12 13.73 9.98
N ALA A 93 18.41 12.78 9.39
CA ALA A 93 19.02 11.81 8.50
C ALA A 93 19.36 12.41 7.14
N GLY A 94 18.94 13.65 6.89
CA GLY A 94 19.27 14.35 5.63
C GLY A 94 18.20 14.47 4.56
N PHE A 95 16.95 14.09 4.88
CA PHE A 95 15.89 14.08 3.87
C PHE A 95 14.95 15.28 3.96
N ALA A 96 14.55 15.82 2.80
CA ALA A 96 13.48 16.78 2.74
C ALA A 96 12.23 16.03 2.29
N ILE A 97 11.08 16.35 2.88
CA ILE A 97 9.85 15.69 2.41
C ILE A 97 9.29 16.42 1.18
N ARG A 98 8.91 15.65 0.17
CA ARG A 98 8.32 16.20 -1.05
C ARG A 98 6.79 16.14 -1.08
N ASN A 99 6.21 15.01 -0.64
CA ASN A 99 4.75 14.90 -0.56
C ASN A 99 4.29 13.71 0.23
N VAL A 100 3.05 13.80 0.71
CA VAL A 100 2.40 12.69 1.42
C VAL A 100 1.04 12.50 0.81
N ASP A 101 0.70 11.24 0.58
CA ASP A 101 -0.67 10.88 0.22
C ASP A 101 -1.09 9.81 1.19
N SER A 102 -2.39 9.68 1.40
CA SER A 102 -2.92 8.74 2.37
C SER A 102 -4.35 8.40 2.08
N THR A 103 -4.80 7.30 2.69
CA THR A 103 -6.20 6.87 2.64
C THR A 103 -6.64 6.45 4.05
N ILE A 104 -7.88 6.80 4.42
CA ILE A 104 -8.53 6.33 5.66
C ILE A 104 -9.71 5.48 5.21
N ILE A 105 -9.85 4.31 5.80
CA ILE A 105 -10.98 3.45 5.48
C ILE A 105 -11.83 3.27 6.74
N ALA A 106 -13.09 3.70 6.65
CA ALA A 106 -14.00 3.66 7.79
C ALA A 106 -15.47 3.53 7.37
N GLN A 107 -16.19 2.62 8.02
CA GLN A 107 -17.64 2.48 7.82
C GLN A 107 -18.36 3.74 8.27
N ALA A 108 -17.89 4.26 9.41
CA ALA A 108 -18.50 5.40 10.10
C ALA A 108 -17.45 5.99 11.02
N PRO A 109 -17.59 7.28 11.39
CA PRO A 109 -18.56 8.26 10.86
C PRO A 109 -18.16 8.75 9.47
N LYS A 110 -18.95 9.70 8.93
CA LYS A 110 -18.58 10.43 7.70
C LYS A 110 -17.28 11.22 7.96
N LEU A 111 -16.28 11.04 7.10
CA LEU A 111 -14.99 11.73 7.28
C LEU A 111 -14.78 12.92 6.37
N ALA A 112 -15.57 12.99 5.31
CA ALA A 112 -15.43 14.09 4.34
C ALA A 112 -15.42 15.48 5.00
N PRO A 113 -16.34 15.77 5.96
CA PRO A 113 -16.29 17.08 6.64
C PRO A 113 -14.98 17.39 7.40
N HIS A 114 -14.13 16.39 7.65
CA HIS A 114 -12.93 16.55 8.50
C HIS A 114 -11.60 16.46 7.77
N ILE A 115 -11.66 15.99 6.52
CA ILE A 115 -10.50 15.75 5.67
C ILE A 115 -9.60 16.98 5.55
N ASP A 116 -10.19 18.16 5.31
CA ASP A 116 -9.39 19.39 5.09
C ASP A 116 -8.62 19.76 6.35
N ALA A 117 -9.28 19.62 7.50
CA ALA A 117 -8.63 19.85 8.79
C ALA A 117 -7.46 18.86 9.03
N MET A 118 -7.63 17.60 8.65
CA MET A 118 -6.56 16.61 8.77
C MET A 118 -5.38 16.99 7.89
N ARG A 119 -5.68 17.33 6.65
CA ARG A 119 -4.65 17.74 5.71
C ARG A 119 -3.85 18.93 6.25
N ALA A 120 -4.57 19.92 6.77
CA ALA A 120 -3.99 21.10 7.40
C ALA A 120 -3.05 20.74 8.57
N ASN A 121 -3.46 19.78 9.40
CA ASN A 121 -2.64 19.37 10.56
C ASN A 121 -1.32 18.72 10.14
N ILE A 122 -1.43 17.81 9.20
CA ILE A 122 -0.29 17.09 8.65
C ILE A 122 0.69 18.07 7.96
N ALA A 123 0.15 18.96 7.15
CA ALA A 123 0.97 19.97 6.45
C ALA A 123 1.72 20.84 7.46
N ALA A 124 1.01 21.31 8.51
CA ALA A 124 1.65 22.04 9.61
C ALA A 124 2.78 21.23 10.28
N ASP A 125 2.47 19.98 10.63
CA ASP A 125 3.44 19.16 11.35
C ASP A 125 4.66 18.84 10.50
N LEU A 126 4.49 18.73 9.19
CA LEU A 126 5.59 18.42 8.31
C LEU A 126 6.24 19.67 7.70
N ASP A 127 5.73 20.85 8.07
CA ASP A 127 6.18 22.14 7.49
C ASP A 127 6.11 22.05 5.95
N LEU A 128 4.94 21.64 5.46
CA LEU A 128 4.72 21.54 4.01
C LEU A 128 3.58 22.47 3.62
N PRO A 129 3.54 22.92 2.36
CA PRO A 129 2.30 23.58 1.90
C PRO A 129 1.16 22.56 1.78
N LEU A 130 -0.09 23.02 1.87
CA LEU A 130 -1.25 22.16 1.69
C LEU A 130 -1.23 21.37 0.38
N ASP A 131 -0.66 21.96 -0.67
CA ASP A 131 -0.66 21.29 -1.98
C ASP A 131 0.31 20.10 -2.12
N ARG A 132 1.07 19.79 -1.07
CA ARG A 132 1.94 18.59 -1.06
C ARG A 132 1.41 17.52 -0.07
N VAL A 133 0.19 17.70 0.41
CA VAL A 133 -0.37 16.77 1.41
C VAL A 133 -1.75 16.39 0.94
N ASN A 134 -2.04 15.11 0.95
CA ASN A 134 -3.36 14.62 0.54
C ASN A 134 -3.91 13.54 1.47
N VAL A 135 -5.20 13.63 1.81
CA VAL A 135 -5.87 12.60 2.60
C VAL A 135 -7.14 12.20 1.87
N LYS A 136 -7.31 10.89 1.65
CA LYS A 136 -8.47 10.37 0.94
C LYS A 136 -9.28 9.52 1.92
N ALA A 137 -10.60 9.52 1.80
CA ALA A 137 -11.43 8.77 2.73
C ALA A 137 -12.34 7.86 1.98
N LYS A 138 -12.42 6.62 2.43
CA LYS A 138 -13.39 5.71 1.87
C LYS A 138 -14.03 4.84 2.90
N THR A 139 -15.01 4.06 2.43
CA THR A 139 -15.57 2.98 3.20
C THR A 139 -14.98 1.72 2.61
N ASN A 140 -15.22 0.60 3.28
CA ASN A 140 -14.78 -0.67 2.75
C ASN A 140 -15.89 -1.43 2.01
N GLU A 141 -16.87 -0.67 1.49
CA GLU A 141 -18.03 -1.26 0.78
C GLU A 141 -18.69 -2.41 1.56
N LYS A 142 -18.81 -2.20 2.87
CA LYS A 142 -19.51 -3.11 3.80
C LYS A 142 -18.77 -4.42 4.05
N LEU A 143 -17.55 -4.56 3.55
CA LEU A 143 -16.81 -5.81 3.66
C LEU A 143 -15.89 -5.95 4.90
N GLY A 144 -15.95 -7.11 5.54
CA GLY A 144 -14.99 -7.46 6.59
C GLY A 144 -15.15 -6.69 7.89
N TYR A 145 -14.19 -6.83 8.77
CA TYR A 145 -14.21 -6.13 10.07
C TYR A 145 -14.33 -4.61 9.90
N LEU A 146 -13.79 -4.07 8.80
CA LEU A 146 -13.89 -2.63 8.55
C LEU A 146 -15.34 -2.28 8.21
N GLY A 147 -15.94 -3.09 7.35
CA GLY A 147 -17.37 -2.98 7.01
C GLY A 147 -18.30 -3.10 8.21
N ARG A 148 -17.87 -3.84 9.23
CA ARG A 148 -18.68 -4.02 10.45
C ARG A 148 -18.41 -2.95 11.48
N GLY A 149 -17.51 -2.02 11.14
CA GLY A 149 -17.17 -0.92 12.05
C GLY A 149 -16.39 -1.32 13.29
N GLU A 150 -15.60 -2.38 13.17
CA GLU A 150 -14.83 -2.92 14.29
C GLU A 150 -13.49 -2.21 14.45
N GLY A 151 -13.07 -1.52 13.38
CA GLY A 151 -11.79 -0.82 13.37
C GLY A 151 -11.74 0.21 12.24
N ILE A 152 -10.68 1.01 12.25
CA ILE A 152 -10.42 1.98 11.19
C ILE A 152 -9.00 1.78 10.71
N GLU A 153 -8.83 1.77 9.40
CA GLU A 153 -7.52 1.54 8.79
C GLU A 153 -7.04 2.81 8.11
N ALA A 154 -5.73 2.99 8.08
CA ALA A 154 -5.12 4.04 7.26
C ALA A 154 -3.94 3.49 6.46
N GLN A 155 -3.74 4.05 5.27
CA GLN A 155 -2.62 3.70 4.42
C GLN A 155 -1.91 4.99 4.04
N ALA A 156 -0.61 4.93 3.75
CA ALA A 156 0.12 6.16 3.37
C ALA A 156 1.30 5.92 2.47
N ALA A 157 1.66 6.97 1.75
CA ALA A 157 2.80 6.94 0.86
C ALA A 157 3.48 8.28 1.04
N ALA A 158 4.81 8.25 1.04
CA ALA A 158 5.56 9.49 1.17
C ALA A 158 6.71 9.49 0.20
N LEU A 159 6.96 10.64 -0.42
CA LEU A 159 8.16 10.84 -1.22
C LEU A 159 9.12 11.81 -0.52
N VAL A 160 10.38 11.39 -0.38
CA VAL A 160 11.40 12.26 0.20
C VAL A 160 12.60 12.35 -0.75
N VAL A 161 13.52 13.27 -0.46
CA VAL A 161 14.72 13.40 -1.25
C VAL A 161 15.87 13.74 -0.30
N ARG A 162 17.02 13.08 -0.50
CA ARG A 162 18.28 13.43 0.20
C ARG A 162 19.06 14.48 -0.58
N MET B 5 15.24 13.05 -14.27
CA MET B 5 15.46 11.62 -14.66
C MET B 5 14.14 10.84 -14.76
N ASP B 6 14.25 9.57 -15.18
CA ASP B 6 13.11 8.74 -15.51
C ASP B 6 12.82 7.79 -14.37
N PHE B 7 12.18 8.33 -13.33
CA PHE B 7 11.84 7.56 -12.13
C PHE B 7 10.51 6.83 -12.32
N ARG B 8 10.41 5.64 -11.72
CA ARG B 8 9.18 4.84 -11.70
C ARG B 8 8.94 4.27 -10.30
N ILE B 9 7.66 4.17 -9.91
CA ILE B 9 7.32 3.47 -8.66
C ILE B 9 6.58 2.18 -8.90
N GLY B 10 6.79 1.23 -7.99
CA GLY B 10 5.99 0.02 -7.95
C GLY B 10 5.57 -0.32 -6.52
N GLN B 11 4.54 -1.16 -6.41
CA GLN B 11 3.98 -1.54 -5.13
C GLN B 11 3.67 -3.02 -5.19
N GLY B 12 3.74 -3.68 -4.04
CA GLY B 12 3.61 -5.12 -3.95
C GLY B 12 2.79 -5.51 -2.75
N TYR B 13 2.13 -6.66 -2.87
CA TYR B 13 1.26 -7.20 -1.86
C TYR B 13 1.36 -8.72 -1.89
N ASP B 14 1.29 -9.32 -0.71
CA ASP B 14 1.28 -10.78 -0.61
C ASP B 14 0.71 -11.21 0.71
N VAL B 15 0.07 -12.38 0.74
CA VAL B 15 -0.47 -12.97 1.96
C VAL B 15 -0.30 -14.50 1.90
N HIS B 16 -0.02 -15.14 3.04
CA HIS B 16 -0.03 -16.61 3.12
C HIS B 16 -0.68 -17.04 4.41
N GLN B 17 -1.31 -18.22 4.39
CA GLN B 17 -1.92 -18.78 5.60
C GLN B 17 -0.88 -19.20 6.62
N LEU B 18 -1.23 -19.04 7.89
CA LEU B 18 -0.33 -19.38 9.00
C LEU B 18 -0.94 -20.54 9.82
N VAL B 19 -0.34 -21.73 9.71
CA VAL B 19 -0.83 -22.95 10.40
C VAL B 19 0.31 -23.83 10.95
N PRO B 20 0.01 -24.67 11.98
CA PRO B 20 1.06 -25.56 12.49
C PRO B 20 1.53 -26.47 11.39
N GLY B 21 2.82 -26.81 11.38
CA GLY B 21 3.36 -27.84 10.47
C GLY B 21 4.37 -27.40 9.42
N ARG B 22 4.69 -26.10 9.43
CA ARG B 22 5.62 -25.53 8.46
C ARG B 22 6.58 -24.56 9.15
N PRO B 23 7.77 -24.33 8.57
CA PRO B 23 8.63 -23.31 9.18
C PRO B 23 8.13 -21.89 8.87
N LEU B 24 8.47 -20.96 9.74
CA LEU B 24 8.18 -19.54 9.48
C LEU B 24 9.41 -18.83 8.92
N ILE B 25 9.37 -18.55 7.61
CA ILE B 25 10.44 -17.84 6.90
C ILE B 25 9.90 -16.53 6.34
N ILE B 26 10.47 -15.42 6.80
CA ILE B 26 10.07 -14.10 6.35
C ILE B 26 11.34 -13.33 6.11
N GLY B 27 11.48 -12.81 4.89
CA GLY B 27 12.66 -12.06 4.48
C GLY B 27 13.95 -12.88 4.59
N GLY B 28 13.86 -14.16 4.23
CA GLY B 28 15.01 -15.06 4.26
C GLY B 28 15.37 -15.60 5.63
N VAL B 29 14.59 -15.24 6.65
CA VAL B 29 14.94 -15.50 8.04
C VAL B 29 13.98 -16.52 8.64
N THR B 30 14.52 -17.63 9.14
CA THR B 30 13.68 -18.63 9.78
C THR B 30 13.42 -18.20 11.21
N ILE B 31 12.15 -18.14 11.56
CA ILE B 31 11.74 -17.64 12.85
C ILE B 31 11.03 -18.72 13.66
N PRO B 32 11.55 -19.04 14.86
CA PRO B 32 10.93 -20.09 15.68
C PRO B 32 9.49 -19.74 16.01
N TYR B 33 8.57 -20.62 15.65
CA TYR B 33 7.16 -20.42 15.97
C TYR B 33 6.37 -21.73 15.90
N GLU B 34 5.26 -21.78 16.64
CA GLU B 34 4.34 -22.91 16.64
C GLU B 34 3.58 -23.07 15.31
N ARG B 35 3.82 -22.14 14.37
CA ARG B 35 3.17 -22.15 13.04
C ARG B 35 4.14 -21.78 11.91
N GLY B 36 3.64 -21.83 10.68
CA GLY B 36 4.43 -21.48 9.49
C GLY B 36 3.53 -21.16 8.30
N LEU B 37 4.13 -20.67 7.23
CA LEU B 37 3.37 -20.23 6.05
C LEU B 37 3.33 -21.27 4.93
N LEU B 38 2.16 -21.40 4.29
CA LEU B 38 1.88 -22.43 3.28
C LEU B 38 2.20 -21.98 1.86
N ASP B 42 9.11 -21.64 -0.20
CA ASP B 42 9.32 -21.21 1.17
C ASP B 42 8.15 -20.39 1.74
N ALA B 43 7.30 -19.86 0.85
CA ALA B 43 6.14 -19.01 1.21
C ALA B 43 6.55 -17.68 1.88
N ASP B 44 7.67 -17.10 1.42
CA ASP B 44 8.22 -15.91 2.02
C ASP B 44 7.41 -14.66 1.58
N VAL B 45 6.34 -14.35 2.34
CA VAL B 45 5.48 -13.19 2.03
C VAL B 45 6.25 -11.91 1.71
N LEU B 46 7.24 -11.59 2.55
CA LEU B 46 7.92 -10.32 2.40
C LEU B 46 8.70 -10.25 1.12
N LEU B 47 9.42 -11.33 0.79
CA LEU B 47 10.18 -11.33 -0.47
C LEU B 47 9.29 -11.29 -1.73
N HIS B 48 8.15 -11.96 -1.71
CA HIS B 48 7.23 -11.89 -2.88
C HIS B 48 6.70 -10.47 -3.11
N ALA B 49 6.26 -9.84 -2.02
CA ALA B 49 5.76 -8.46 -2.10
C ALA B 49 6.83 -7.56 -2.70
N ILE B 50 8.04 -7.66 -2.18
CA ILE B 50 9.14 -6.86 -2.71
C ILE B 50 9.42 -7.20 -4.19
N THR B 51 9.34 -8.48 -4.53
CA THR B 51 9.58 -8.91 -5.91
C THR B 51 8.55 -8.28 -6.84
N ASP B 52 7.28 -8.39 -6.45
CA ASP B 52 6.17 -7.79 -7.17
C ASP B 52 6.29 -6.28 -7.33
N ALA B 53 6.68 -5.59 -6.27
CA ALA B 53 6.94 -4.16 -6.31
C ALA B 53 8.01 -3.80 -7.35
N LEU B 54 9.07 -4.59 -7.38
CA LEU B 54 10.14 -4.35 -8.36
C LEU B 54 9.69 -4.56 -9.82
N PHE B 55 9.01 -5.68 -10.07
CA PHE B 55 8.48 -5.92 -11.41
C PHE B 55 7.47 -4.85 -11.82
N GLY B 56 6.68 -4.39 -10.83
CA GLY B 56 5.72 -3.31 -11.06
C GLY B 56 6.36 -1.99 -11.48
N ALA B 57 7.40 -1.58 -10.77
CA ALA B 57 8.13 -0.35 -11.09
C ALA B 57 8.75 -0.41 -12.50
N ALA B 58 9.24 -1.59 -12.85
CA ALA B 58 9.85 -1.86 -14.15
C ALA B 58 8.79 -2.03 -15.26
N ALA B 59 7.53 -2.22 -14.84
CA ALA B 59 6.40 -2.47 -15.76
C ALA B 59 6.58 -3.79 -16.54
N LEU B 60 7.04 -4.82 -15.81
CA LEU B 60 7.36 -6.09 -16.38
C LEU B 60 6.34 -7.17 -16.03
N GLY B 61 5.14 -6.76 -15.66
CA GLY B 61 4.11 -7.71 -15.22
C GLY B 61 4.18 -7.98 -13.74
N ASP B 62 4.28 -9.26 -13.38
CA ASP B 62 4.27 -9.65 -11.98
C ASP B 62 5.01 -10.97 -11.73
N ILE B 63 5.15 -11.32 -10.45
CA ILE B 63 5.86 -12.52 -10.05
C ILE B 63 5.33 -13.79 -10.73
N GLY B 64 4.00 -13.92 -10.84
CA GLY B 64 3.35 -15.08 -11.48
C GLY B 64 3.75 -15.27 -12.93
N ARG B 65 3.92 -14.17 -13.66
CA ARG B 65 4.31 -14.25 -15.07
C ARG B 65 5.78 -14.59 -15.26
N HIS B 66 6.64 -14.15 -14.35
CA HIS B 66 8.07 -14.42 -14.45
C HIS B 66 8.47 -15.79 -13.90
N PHE B 67 7.92 -16.17 -12.75
CA PHE B 67 8.30 -17.42 -12.08
C PHE B 67 7.09 -18.30 -11.84
N SER B 68 6.74 -19.05 -12.90
CA SER B 68 5.56 -19.90 -12.93
C SER B 68 5.62 -21.02 -11.89
N ASP B 69 4.47 -21.34 -11.29
CA ASP B 69 4.38 -22.37 -10.26
C ASP B 69 4.64 -23.78 -10.82
N THR B 70 4.86 -23.86 -12.14
CA THR B 70 5.20 -25.14 -12.80
C THR B 70 6.58 -25.14 -13.46
N ASP B 71 7.00 -23.99 -13.98
CA ASP B 71 8.30 -23.80 -14.68
C ASP B 71 9.42 -24.71 -14.11
N PRO B 72 10.05 -25.54 -14.98
CA PRO B 72 11.12 -26.48 -14.62
C PRO B 72 12.35 -25.89 -13.92
N ARG B 73 12.52 -24.58 -14.01
CA ARG B 73 13.67 -23.88 -13.40
C ARG B 73 13.45 -23.41 -11.95
N PHE B 74 12.21 -23.50 -11.45
CA PHE B 74 11.86 -22.97 -10.12
C PHE B 74 10.93 -23.91 -9.35
N ALA B 77 13.86 -23.46 -6.69
CA ALA B 77 14.52 -22.28 -6.13
C ALA B 77 13.68 -21.62 -5.04
N ASP B 78 14.34 -21.01 -4.06
CA ASP B 78 13.64 -20.29 -3.00
C ASP B 78 13.50 -18.80 -3.28
N SER B 79 12.75 -18.10 -2.44
CA SER B 79 12.33 -16.72 -2.73
C SER B 79 13.47 -15.71 -2.86
N ARG B 80 14.60 -15.97 -2.22
CA ARG B 80 15.77 -15.12 -2.40
C ARG B 80 16.35 -15.26 -3.81
N ALA B 81 16.34 -16.48 -4.35
CA ALA B 81 16.81 -16.70 -5.73
C ALA B 81 15.92 -15.95 -6.73
N LEU B 82 14.61 -16.08 -6.54
CA LEU B 82 13.63 -15.35 -7.34
C LEU B 82 13.83 -13.85 -7.28
N LEU B 83 14.10 -13.35 -6.07
CA LEU B 83 14.35 -11.93 -5.85
C LEU B 83 15.59 -11.49 -6.65
N ARG B 84 16.66 -12.27 -6.50
CA ARG B 84 17.90 -12.08 -7.28
C ARG B 84 17.65 -12.05 -8.78
N GLU B 85 16.87 -13.02 -9.28
CA GLU B 85 16.50 -13.08 -10.69
C GLU B 85 15.66 -11.87 -11.09
N CYS B 86 14.62 -11.59 -10.29
CA CYS B 86 13.83 -10.36 -10.44
C CYS B 86 14.71 -9.15 -10.70
N ALA B 87 15.72 -8.97 -9.85
CA ALA B 87 16.60 -7.80 -9.90
C ALA B 87 17.46 -7.75 -11.16
N SER B 88 17.83 -8.91 -11.70
CA SER B 88 18.59 -8.94 -12.95
C SER B 88 17.71 -8.56 -14.15
N ARG B 89 16.47 -9.07 -14.14
CA ARG B 89 15.49 -8.68 -15.15
C ARG B 89 15.20 -7.18 -15.10
N VAL B 90 15.05 -6.65 -13.87
CA VAL B 90 14.91 -5.22 -13.69
C VAL B 90 16.09 -4.46 -14.29
N ALA B 91 17.31 -4.87 -13.98
CA ALA B 91 18.53 -4.23 -14.54
C ALA B 91 18.53 -4.19 -16.07
N GLN B 92 18.17 -5.32 -16.68
CA GLN B 92 18.21 -5.46 -18.14
C GLN B 92 17.18 -4.61 -18.86
N ALA B 93 16.05 -4.37 -18.21
CA ALA B 93 15.05 -3.46 -18.73
C ALA B 93 15.57 -2.01 -18.72
N GLY B 94 16.70 -1.79 -18.06
CA GLY B 94 17.32 -0.47 -18.00
C GLY B 94 17.17 0.28 -16.69
N PHE B 95 16.72 -0.40 -15.63
CA PHE B 95 16.41 0.25 -14.33
C PHE B 95 17.38 -0.03 -13.20
N ALA B 96 17.80 1.05 -12.53
CA ALA B 96 18.56 0.94 -11.28
C ALA B 96 17.58 1.08 -10.12
N ILE B 97 17.68 0.19 -9.14
CA ILE B 97 16.86 0.29 -7.92
C ILE B 97 17.38 1.38 -6.98
N ARG B 98 16.48 2.30 -6.61
CA ARG B 98 16.80 3.37 -5.68
C ARG B 98 16.50 3.04 -4.20
N ASN B 99 15.33 2.49 -3.91
CA ASN B 99 15.02 2.04 -2.54
C ASN B 99 13.82 1.13 -2.49
N VAL B 100 13.72 0.39 -1.39
CA VAL B 100 12.60 -0.48 -1.11
C VAL B 100 12.17 -0.19 0.31
N ASP B 101 10.86 -0.19 0.54
CA ASP B 101 10.33 -0.09 1.86
C ASP B 101 9.22 -1.10 1.90
N SER B 102 8.92 -1.61 3.10
CA SER B 102 7.97 -2.69 3.23
C SER B 102 7.38 -2.74 4.62
N THR B 103 6.27 -3.46 4.75
CA THR B 103 5.65 -3.70 6.04
C THR B 103 5.23 -5.17 6.12
N ILE B 104 5.55 -5.81 7.25
CA ILE B 104 5.01 -7.12 7.54
C ILE B 104 3.90 -6.95 8.59
N ILE B 105 2.74 -7.53 8.33
CA ILE B 105 1.68 -7.54 9.32
C ILE B 105 1.49 -8.96 9.88
N ALA B 106 1.84 -9.16 11.14
CA ALA B 106 1.64 -10.46 11.79
C ALA B 106 1.27 -10.24 13.23
N GLN B 107 0.24 -10.94 13.71
CA GLN B 107 -0.23 -10.75 15.08
C GLN B 107 0.80 -11.31 16.05
N ALA B 108 1.52 -12.32 15.59
CA ALA B 108 2.53 -13.01 16.39
C ALA B 108 3.31 -13.86 15.39
N PRO B 109 4.57 -14.19 15.67
CA PRO B 109 5.39 -13.83 16.83
C PRO B 109 5.86 -12.38 16.71
N LYS B 110 6.55 -11.89 17.75
CA LYS B 110 7.21 -10.58 17.69
C LYS B 110 8.23 -10.62 16.54
N LEU B 111 8.12 -9.66 15.61
CA LEU B 111 9.01 -9.62 14.45
C LEU B 111 10.19 -8.63 14.57
N ALA B 112 10.04 -7.66 15.48
CA ALA B 112 11.05 -6.61 15.66
C ALA B 112 12.47 -7.18 15.75
N PRO B 113 12.67 -8.28 16.54
CA PRO B 113 14.05 -8.77 16.65
C PRO B 113 14.71 -9.20 15.35
N HIS B 114 13.94 -9.48 14.30
CA HIS B 114 14.49 -10.13 13.09
C HIS B 114 14.68 -9.18 11.90
N ILE B 115 14.30 -7.92 12.11
CA ILE B 115 14.30 -6.92 11.05
C ILE B 115 15.69 -6.68 10.44
N ASP B 116 16.71 -6.52 11.27
CA ASP B 116 18.07 -6.28 10.74
C ASP B 116 18.58 -7.42 9.83
N ALA B 117 18.27 -8.66 10.19
CA ALA B 117 18.60 -9.81 9.33
C ALA B 117 17.83 -9.77 8.00
N MET B 118 16.51 -9.47 8.05
CA MET B 118 15.74 -9.36 6.79
C MET B 118 16.32 -8.26 5.93
N ARG B 119 16.61 -7.09 6.51
CA ARG B 119 17.19 -5.97 5.74
C ARG B 119 18.51 -6.38 5.11
N ALA B 120 19.32 -7.13 5.86
CA ALA B 120 20.61 -7.66 5.34
C ALA B 120 20.43 -8.60 4.15
N ASN B 121 19.50 -9.55 4.27
CA ASN B 121 19.22 -10.49 3.16
C ASN B 121 18.75 -9.76 1.91
N ILE B 122 17.79 -8.86 2.09
CA ILE B 122 17.22 -8.14 0.96
C ILE B 122 18.26 -7.26 0.31
N ALA B 123 19.02 -6.53 1.12
CA ALA B 123 20.09 -5.66 0.60
C ALA B 123 21.12 -6.51 -0.14
N ALA B 124 21.51 -7.63 0.45
CA ALA B 124 22.43 -8.57 -0.23
C ALA B 124 21.85 -8.93 -1.60
N ASP B 125 20.64 -9.49 -1.59
CA ASP B 125 19.97 -9.95 -2.81
C ASP B 125 19.78 -8.86 -3.86
N LEU B 126 19.54 -7.63 -3.44
CA LEU B 126 19.27 -6.56 -4.41
C LEU B 126 20.51 -5.77 -4.82
N ASP B 127 21.66 -6.11 -4.24
CA ASP B 127 22.91 -5.35 -4.39
C ASP B 127 22.70 -3.88 -4.05
N LEU B 128 22.03 -3.63 -2.94
CA LEU B 128 21.77 -2.25 -2.53
C LEU B 128 22.55 -1.89 -1.27
N PRO B 129 22.93 -0.61 -1.13
CA PRO B 129 23.39 -0.10 0.16
C PRO B 129 22.31 -0.36 1.18
N LEU B 130 22.72 -0.75 2.38
CA LEU B 130 21.79 -1.11 3.44
C LEU B 130 20.79 0.02 3.77
N ASP B 131 21.22 1.28 3.63
CA ASP B 131 20.33 2.39 3.98
C ASP B 131 19.28 2.71 2.91
N ARG B 132 19.18 1.86 1.90
CA ARG B 132 18.16 1.97 0.88
C ARG B 132 17.13 0.86 0.98
N VAL B 133 17.18 0.10 2.07
CA VAL B 133 16.23 -1.00 2.26
C VAL B 133 15.58 -0.90 3.62
N ASN B 134 14.26 -0.91 3.65
CA ASN B 134 13.58 -0.80 4.93
C ASN B 134 12.52 -1.86 5.07
N VAL B 135 12.37 -2.40 6.28
CA VAL B 135 11.29 -3.32 6.57
C VAL B 135 10.67 -2.87 7.87
N LYS B 136 9.33 -2.83 7.94
CA LYS B 136 8.64 -2.40 9.17
C LYS B 136 7.74 -3.53 9.64
N ALA B 137 7.46 -3.58 10.94
CA ALA B 137 6.60 -4.62 11.52
C ALA B 137 5.35 -4.07 12.16
N LYS B 138 4.22 -4.72 11.89
CA LYS B 138 2.92 -4.35 12.48
C LYS B 138 2.17 -5.59 12.97
N THR B 139 1.26 -5.41 13.90
CA THR B 139 0.26 -6.40 14.21
C THR B 139 -1.05 -5.89 13.62
N ASN B 140 -2.09 -6.72 13.62
CA ASN B 140 -3.36 -6.25 13.13
C ASN B 140 -4.34 -5.85 14.21
N GLU B 141 -3.80 -5.63 15.42
CA GLU B 141 -4.62 -5.24 16.56
C GLU B 141 -5.80 -6.20 16.77
N LYS B 142 -5.54 -7.49 16.54
CA LYS B 142 -6.51 -8.55 16.82
C LYS B 142 -7.75 -8.48 15.89
N LEU B 143 -7.61 -7.81 14.75
CA LEU B 143 -8.71 -7.72 13.79
C LEU B 143 -8.48 -8.63 12.59
N GLY B 144 -9.55 -9.29 12.17
CA GLY B 144 -9.55 -10.14 10.99
C GLY B 144 -8.70 -11.39 11.11
N TYR B 145 -8.61 -12.12 10.00
CA TYR B 145 -7.78 -13.31 9.93
C TYR B 145 -6.32 -13.04 10.33
N LEU B 146 -5.79 -11.87 9.98
CA LEU B 146 -4.44 -11.47 10.40
C LEU B 146 -4.31 -11.33 11.91
N GLY B 147 -5.27 -10.63 12.52
CA GLY B 147 -5.32 -10.46 13.96
C GLY B 147 -5.62 -11.72 14.76
N ARG B 148 -6.23 -12.71 14.10
CA ARG B 148 -6.48 -14.04 14.69
C ARG B 148 -5.31 -14.99 14.43
N GLY B 149 -4.29 -14.50 13.76
CA GLY B 149 -3.08 -15.31 13.52
C GLY B 149 -3.26 -16.39 12.48
N GLU B 150 -4.20 -16.19 11.55
CA GLU B 150 -4.52 -17.20 10.53
C GLU B 150 -3.70 -17.00 9.25
N GLY B 151 -3.00 -15.87 9.16
CA GLY B 151 -2.16 -15.55 8.01
C GLY B 151 -1.26 -14.38 8.33
N ILE B 152 -0.31 -14.11 7.44
CA ILE B 152 0.58 -12.94 7.52
C ILE B 152 0.60 -12.24 6.17
N GLU B 153 0.57 -10.91 6.19
CA GLU B 153 0.60 -10.14 4.96
C GLU B 153 1.91 -9.38 4.88
N ALA B 154 2.36 -9.09 3.65
CA ALA B 154 3.45 -8.14 3.44
C ALA B 154 3.05 -7.07 2.42
N GLN B 155 3.57 -5.87 2.62
CA GLN B 155 3.36 -4.77 1.68
C GLN B 155 4.71 -4.22 1.28
N ALA B 156 4.87 -3.83 0.01
CA ALA B 156 6.12 -3.22 -0.44
C ALA B 156 5.94 -2.05 -1.39
N ALA B 157 6.90 -1.13 -1.36
CA ALA B 157 7.02 -0.05 -2.31
C ALA B 157 8.46 -0.03 -2.84
N ALA B 158 8.61 0.27 -4.13
CA ALA B 158 9.96 0.39 -4.68
C ALA B 158 10.08 1.56 -5.64
N LEU B 159 11.19 2.27 -5.53
CA LEU B 159 11.50 3.32 -6.48
C LEU B 159 12.68 2.87 -7.33
N VAL B 160 12.54 3.04 -8.65
CA VAL B 160 13.61 2.74 -9.59
C VAL B 160 13.80 3.90 -10.56
N VAL B 161 14.89 3.86 -11.32
CA VAL B 161 15.18 4.90 -12.29
C VAL B 161 15.79 4.34 -13.59
N ARG B 162 15.32 4.84 -14.73
CA ARG B 162 15.84 4.50 -16.07
C ARG B 162 16.85 5.54 -16.54
N MET C 5 13.61 18.45 -9.93
CA MET C 5 12.27 18.19 -10.53
C MET C 5 11.25 17.75 -9.47
N ASP C 6 10.01 18.17 -9.67
CA ASP C 6 9.01 18.12 -8.62
C ASP C 6 8.14 16.86 -8.73
N PHE C 7 8.70 15.73 -8.33
CA PHE C 7 7.95 14.48 -8.37
C PHE C 7 7.02 14.35 -7.14
N ARG C 8 5.91 13.62 -7.31
CA ARG C 8 4.95 13.34 -6.24
C ARG C 8 4.50 11.91 -6.38
N ILE C 9 4.30 11.19 -5.27
CA ILE C 9 3.65 9.87 -5.35
C ILE C 9 2.21 9.86 -4.77
N GLY C 10 1.38 8.95 -5.29
CA GLY C 10 0.04 8.73 -4.77
C GLY C 10 -0.21 7.25 -4.67
N GLN C 11 -1.08 6.86 -3.74
CA GLN C 11 -1.48 5.48 -3.58
C GLN C 11 -3.01 5.43 -3.55
N GLY C 12 -3.57 4.38 -4.11
CA GLY C 12 -5.00 4.22 -4.14
C GLY C 12 -5.41 2.86 -3.67
N TYR C 13 -6.61 2.80 -3.11
CA TYR C 13 -7.18 1.54 -2.66
C TYR C 13 -8.64 1.49 -3.03
N ASP C 14 -9.09 0.33 -3.51
CA ASP C 14 -10.53 0.17 -3.69
C ASP C 14 -10.96 -1.27 -3.45
N VAL C 15 -12.21 -1.43 -3.06
CA VAL C 15 -12.80 -2.76 -2.96
C VAL C 15 -14.29 -2.67 -3.31
N HIS C 16 -14.80 -3.70 -3.97
CA HIS C 16 -16.23 -3.80 -4.25
C HIS C 16 -16.69 -5.22 -4.02
N GLN C 17 -17.95 -5.35 -3.59
CA GLN C 17 -18.63 -6.63 -3.49
C GLN C 17 -18.91 -7.31 -4.83
N LEU C 18 -18.77 -8.63 -4.83
CA LEU C 18 -19.16 -9.49 -5.94
C LEU C 18 -20.60 -9.97 -5.76
N VAL C 19 -21.46 -9.57 -6.70
CA VAL C 19 -22.90 -9.85 -6.60
C VAL C 19 -23.46 -10.51 -7.87
N PRO C 20 -24.57 -11.28 -7.75
CA PRO C 20 -25.22 -11.87 -8.93
C PRO C 20 -25.75 -10.80 -9.88
N GLY C 21 -25.73 -11.09 -11.18
CA GLY C 21 -26.45 -10.30 -12.17
C GLY C 21 -25.82 -8.97 -12.55
N ARG C 22 -24.52 -8.85 -12.28
CA ARG C 22 -23.74 -7.73 -12.77
C ARG C 22 -22.62 -8.31 -13.63
N PRO C 23 -22.23 -7.59 -14.69
CA PRO C 23 -21.03 -8.02 -15.39
C PRO C 23 -19.78 -7.71 -14.56
N LEU C 24 -18.74 -8.52 -14.73
CA LEU C 24 -17.47 -8.30 -14.07
C LEU C 24 -16.56 -7.47 -14.96
N ILE C 25 -16.34 -6.21 -14.59
CA ILE C 25 -15.55 -5.31 -15.39
C ILE C 25 -14.36 -4.77 -14.58
N ILE C 26 -13.16 -5.17 -15.00
CA ILE C 26 -11.91 -4.74 -14.36
C ILE C 26 -10.89 -4.23 -15.37
N GLY C 27 -10.32 -3.06 -15.08
CA GLY C 27 -9.46 -2.34 -16.01
C GLY C 27 -10.09 -2.17 -17.39
N GLY C 28 -11.40 -1.95 -17.41
CA GLY C 28 -12.14 -1.78 -18.66
C GLY C 28 -12.47 -3.09 -19.36
N VAL C 29 -11.91 -4.21 -18.88
CA VAL C 29 -12.15 -5.53 -19.46
C VAL C 29 -13.36 -6.23 -18.86
N THR C 30 -14.28 -6.68 -19.72
CA THR C 30 -15.40 -7.51 -19.30
C THR C 30 -14.93 -8.95 -19.23
N ILE C 31 -15.03 -9.54 -18.05
CA ILE C 31 -14.53 -10.88 -17.81
C ILE C 31 -15.71 -11.82 -17.57
N PRO C 32 -15.78 -12.93 -18.35
CA PRO C 32 -16.80 -13.97 -18.16
C PRO C 32 -16.79 -14.52 -16.74
N TYR C 33 -17.93 -14.44 -16.06
CA TYR C 33 -18.03 -14.82 -14.65
C TYR C 33 -19.48 -14.73 -14.19
N GLU C 34 -19.88 -15.61 -13.27
CA GLU C 34 -21.26 -15.63 -12.74
C GLU C 34 -21.65 -14.37 -11.95
N ARG C 35 -20.66 -13.72 -11.36
CA ARG C 35 -20.93 -12.50 -10.61
C ARG C 35 -20.19 -11.30 -11.17
N GLY C 36 -20.58 -10.12 -10.70
CA GLY C 36 -19.94 -8.87 -11.08
C GLY C 36 -19.85 -7.95 -9.88
N LEU C 37 -19.12 -6.86 -10.04
CA LEU C 37 -18.88 -5.91 -8.95
C LEU C 37 -20.02 -4.91 -8.78
N LEU C 38 -20.39 -4.69 -7.53
CA LEU C 38 -21.48 -3.79 -7.16
C LEU C 38 -20.97 -2.38 -6.82
N GLY C 39 -21.55 -1.39 -7.49
CA GLY C 39 -21.16 -0.01 -7.23
C GLY C 39 -22.11 0.93 -7.93
N HIS C 40 -22.05 2.21 -7.55
CA HIS C 40 -22.91 3.25 -8.13
C HIS C 40 -22.57 3.48 -9.61
N SER C 41 -21.28 3.32 -9.94
CA SER C 41 -20.75 3.38 -11.29
C SER C 41 -20.76 1.96 -11.87
N ASP C 42 -19.85 1.65 -12.79
CA ASP C 42 -19.68 0.26 -13.27
C ASP C 42 -18.77 -0.55 -12.30
N ALA C 43 -18.46 0.07 -11.16
CA ALA C 43 -17.70 -0.58 -10.10
C ALA C 43 -16.35 -1.18 -10.54
N ASP C 44 -15.71 -0.55 -11.52
CA ASP C 44 -14.38 -1.00 -11.93
C ASP C 44 -13.39 -0.63 -10.82
N VAL C 45 -13.21 -1.58 -9.91
CA VAL C 45 -12.31 -1.48 -8.77
C VAL C 45 -10.86 -1.09 -9.14
N LEU C 46 -10.30 -1.69 -10.19
CA LEU C 46 -8.95 -1.33 -10.60
C LEU C 46 -8.86 0.14 -11.03
N LEU C 47 -9.82 0.58 -11.85
CA LEU C 47 -9.77 1.95 -12.35
C LEU C 47 -10.00 2.96 -11.25
N HIS C 48 -10.88 2.60 -10.32
CA HIS C 48 -11.10 3.47 -9.15
C HIS C 48 -9.83 3.65 -8.32
N ALA C 49 -9.05 2.60 -8.13
CA ALA C 49 -7.83 2.68 -7.29
C ALA C 49 -6.79 3.52 -7.98
N ILE C 50 -6.65 3.32 -9.28
CA ILE C 50 -5.70 4.12 -10.05
C ILE C 50 -6.12 5.57 -10.02
N THR C 51 -7.43 5.82 -10.13
CA THR C 51 -7.97 7.18 -10.11
C THR C 51 -7.63 7.88 -8.80
N ASP C 52 -7.86 7.19 -7.67
CA ASP C 52 -7.50 7.72 -6.35
C ASP C 52 -6.00 7.94 -6.24
N ALA C 53 -5.20 7.02 -6.78
CA ALA C 53 -3.74 7.17 -6.68
C ALA C 53 -3.29 8.41 -7.45
N LEU C 54 -3.93 8.66 -8.60
CA LEU C 54 -3.58 9.82 -9.42
C LEU C 54 -4.08 11.10 -8.76
N PHE C 55 -5.28 11.08 -8.21
CA PHE C 55 -5.75 12.26 -7.47
C PHE C 55 -4.86 12.52 -6.25
N GLY C 56 -4.38 11.45 -5.61
CA GLY C 56 -3.52 11.63 -4.42
C GLY C 56 -2.16 12.21 -4.73
N ALA C 57 -1.58 11.80 -5.85
CA ALA C 57 -0.27 12.30 -6.25
C ALA C 57 -0.34 13.78 -6.62
N ALA C 58 -1.46 14.19 -7.21
CA ALA C 58 -1.67 15.59 -7.53
C ALA C 58 -2.22 16.38 -6.34
N ALA C 59 -2.47 15.71 -5.21
CA ALA C 59 -3.07 16.36 -4.03
C ALA C 59 -4.38 17.06 -4.33
N LEU C 60 -5.21 16.37 -5.12
CA LEU C 60 -6.51 16.90 -5.51
C LEU C 60 -7.67 16.27 -4.73
N GLY C 61 -7.38 15.62 -3.60
CA GLY C 61 -8.43 14.95 -2.82
C GLY C 61 -8.63 13.50 -3.26
N ASP C 62 -9.88 13.12 -3.53
CA ASP C 62 -10.18 11.74 -3.88
C ASP C 62 -11.39 11.59 -4.82
N ILE C 63 -11.59 10.35 -5.26
CA ILE C 63 -12.64 10.01 -6.21
C ILE C 63 -14.07 10.33 -5.66
N GLY C 64 -14.29 10.12 -4.36
CA GLY C 64 -15.56 10.47 -3.69
C GLY C 64 -15.89 11.96 -3.71
N ARG C 65 -14.85 12.79 -3.67
CA ARG C 65 -14.97 14.23 -3.72
C ARG C 65 -15.15 14.78 -5.15
N HIS C 66 -14.59 14.07 -6.13
CA HIS C 66 -14.62 14.53 -7.52
C HIS C 66 -15.85 14.04 -8.25
N PHE C 67 -16.25 12.81 -7.91
CA PHE C 67 -17.32 12.14 -8.64
C PHE C 67 -18.39 11.64 -7.65
N ASP C 78 -19.24 5.50 -17.19
CA ASP C 78 -18.37 4.34 -16.95
C ASP C 78 -17.03 4.76 -16.33
N SER C 79 -16.29 3.78 -15.79
CA SER C 79 -15.08 4.12 -15.04
C SER C 79 -13.91 4.64 -15.88
N ARG C 80 -13.92 4.33 -17.18
CA ARG C 80 -12.88 4.78 -18.06
C ARG C 80 -13.05 6.27 -18.34
N ALA C 81 -14.30 6.71 -18.45
CA ALA C 81 -14.61 8.13 -18.61
C ALA C 81 -14.13 8.91 -17.38
N LEU C 82 -14.33 8.32 -16.21
CA LEU C 82 -13.88 8.93 -14.95
C LEU C 82 -12.38 8.95 -14.86
N LEU C 83 -11.75 7.88 -15.33
CA LEU C 83 -10.30 7.83 -15.35
C LEU C 83 -9.74 8.89 -16.30
N ARG C 84 -10.39 9.04 -17.46
CA ARG C 84 -10.04 10.10 -18.42
C ARG C 84 -10.23 11.47 -17.81
N GLU C 85 -11.29 11.66 -17.03
CA GLU C 85 -11.56 12.96 -16.38
C GLU C 85 -10.51 13.25 -15.31
N CYS C 86 -10.17 12.22 -14.52
CA CYS C 86 -9.09 12.31 -13.54
C CYS C 86 -7.79 12.76 -14.20
N ALA C 87 -7.40 12.09 -15.28
CA ALA C 87 -6.20 12.45 -16.05
C ALA C 87 -6.24 13.91 -16.47
N SER C 88 -7.42 14.36 -16.93
CA SER C 88 -7.63 15.76 -17.29
C SER C 88 -7.40 16.72 -16.09
N ARG C 89 -8.05 16.43 -14.96
CA ARG C 89 -7.91 17.26 -13.78
C ARG C 89 -6.47 17.26 -13.24
N VAL C 90 -5.79 16.14 -13.42
CA VAL C 90 -4.39 16.05 -13.02
C VAL C 90 -3.52 16.97 -13.92
N ALA C 91 -3.79 16.98 -15.23
CA ALA C 91 -3.03 17.86 -16.14
C ALA C 91 -3.38 19.28 -15.84
N GLN C 92 -4.66 19.50 -15.52
CA GLN C 92 -5.20 20.81 -15.17
C GLN C 92 -4.44 21.45 -14.00
N ALA C 93 -3.97 20.60 -13.09
CA ALA C 93 -3.22 21.07 -11.91
C ALA C 93 -1.73 21.22 -12.23
N GLY C 94 -1.32 20.82 -13.43
CA GLY C 94 0.04 21.06 -13.90
C GLY C 94 0.98 19.87 -13.81
N PHE C 95 0.40 18.68 -13.62
CA PHE C 95 1.19 17.47 -13.47
C PHE C 95 1.11 16.64 -14.70
N ALA C 96 2.23 15.96 -15.00
CA ALA C 96 2.27 14.91 -16.00
C ALA C 96 2.46 13.58 -15.30
N ILE C 97 1.78 12.54 -15.80
CA ILE C 97 1.89 11.20 -15.24
C ILE C 97 3.15 10.49 -15.74
N ARG C 98 3.95 9.97 -14.80
CA ARG C 98 5.17 9.24 -15.16
C ARG C 98 4.95 7.74 -15.25
N ASN C 99 4.31 7.15 -14.24
CA ASN C 99 3.96 5.73 -14.29
C ASN C 99 2.83 5.33 -13.33
N VAL C 100 2.27 4.15 -13.59
CA VAL C 100 1.21 3.59 -12.76
C VAL C 100 1.56 2.13 -12.58
N ASP C 101 1.41 1.67 -11.34
CA ASP C 101 1.50 0.25 -11.02
C ASP C 101 0.29 -0.10 -10.18
N SER C 102 -0.12 -1.36 -10.22
CA SER C 102 -1.32 -1.78 -9.50
C SER C 102 -1.32 -3.26 -9.27
N THR C 103 -2.23 -3.69 -8.40
CA THR C 103 -2.47 -5.09 -8.10
C THR C 103 -3.97 -5.29 -7.97
N ILE C 104 -4.45 -6.39 -8.55
CA ILE C 104 -5.82 -6.84 -8.35
C ILE C 104 -5.78 -8.05 -7.43
N ILE C 105 -6.64 -8.06 -6.41
CA ILE C 105 -6.72 -9.24 -5.55
C ILE C 105 -8.07 -9.87 -5.76
N ALA C 106 -8.04 -11.05 -6.39
CA ALA C 106 -9.25 -11.80 -6.70
C ALA C 106 -8.98 -13.29 -6.60
N GLN C 107 -9.83 -13.97 -5.84
CA GLN C 107 -9.71 -15.40 -5.66
C GLN C 107 -10.12 -16.12 -6.93
N ALA C 108 -11.16 -15.61 -7.57
CA ALA C 108 -11.67 -16.11 -8.85
C ALA C 108 -12.36 -14.92 -9.53
N PRO C 109 -12.40 -14.90 -10.87
CA PRO C 109 -11.83 -15.87 -11.79
C PRO C 109 -10.35 -15.61 -11.99
N LYS C 110 -9.70 -16.44 -12.82
CA LYS C 110 -8.29 -16.23 -13.18
C LYS C 110 -8.16 -14.94 -14.01
N LEU C 111 -7.16 -14.12 -13.72
CA LEU C 111 -7.05 -12.80 -14.34
C LEU C 111 -5.91 -12.65 -15.34
N ALA C 112 -4.93 -13.55 -15.25
CA ALA C 112 -3.75 -13.51 -16.11
C ALA C 112 -4.05 -13.24 -17.61
N PRO C 113 -5.07 -13.91 -18.18
CA PRO C 113 -5.41 -13.70 -19.60
C PRO C 113 -5.98 -12.33 -19.99
N HIS C 114 -6.26 -11.47 -19.01
CA HIS C 114 -6.89 -10.18 -19.30
C HIS C 114 -6.02 -8.98 -18.95
N ILE C 115 -4.84 -9.26 -18.38
CA ILE C 115 -3.93 -8.24 -17.87
CA ILE C 115 -3.97 -8.22 -17.86
C ILE C 115 -3.46 -7.26 -18.94
N ASP C 116 -3.00 -7.80 -20.07
CA ASP C 116 -2.47 -6.97 -21.15
C ASP C 116 -3.55 -6.04 -21.68
N ALA C 117 -4.76 -6.57 -21.83
CA ALA C 117 -5.91 -5.74 -22.22
C ALA C 117 -6.17 -4.59 -21.22
N MET C 118 -6.21 -4.89 -19.92
CA MET C 118 -6.35 -3.85 -18.88
C MET C 118 -5.32 -2.73 -19.01
N ARG C 119 -4.07 -3.16 -19.14
CA ARG C 119 -2.93 -2.28 -19.30
C ARG C 119 -3.05 -1.43 -20.55
N ALA C 120 -3.46 -2.05 -21.65
CA ALA C 120 -3.77 -1.35 -22.90
C ALA C 120 -4.86 -0.30 -22.67
N ASN C 121 -5.93 -0.69 -21.98
CA ASN C 121 -7.04 0.22 -21.68
C ASN C 121 -6.58 1.46 -20.89
N ILE C 122 -5.78 1.21 -19.86
CA ILE C 122 -5.31 2.24 -18.93
C ILE C 122 -4.34 3.22 -19.60
N ALA C 123 -3.38 2.66 -20.36
CA ALA C 123 -2.42 3.46 -21.13
C ALA C 123 -3.15 4.39 -22.09
N ALA C 124 -4.22 3.90 -22.71
CA ALA C 124 -5.00 4.70 -23.67
C ALA C 124 -5.73 5.82 -22.96
N ASP C 125 -6.37 5.48 -21.83
CA ASP C 125 -7.05 6.47 -21.00
C ASP C 125 -6.16 7.54 -20.40
N LEU C 126 -4.92 7.19 -20.08
CA LEU C 126 -4.00 8.16 -19.49
C LEU C 126 -3.03 8.79 -20.48
N ASP C 127 -3.18 8.44 -21.76
CA ASP C 127 -2.27 8.89 -22.84
C ASP C 127 -0.84 8.57 -22.44
N LEU C 128 -0.60 7.31 -22.11
CA LEU C 128 0.71 6.84 -21.73
C LEU C 128 1.09 5.68 -22.59
N PRO C 129 2.40 5.50 -22.80
CA PRO C 129 2.84 4.29 -23.47
C PRO C 129 2.68 3.07 -22.55
N LEU C 130 2.60 1.89 -23.16
CA LEU C 130 2.39 0.67 -22.41
C LEU C 130 3.46 0.43 -21.36
N ASP C 131 4.67 0.95 -21.61
CA ASP C 131 5.82 0.65 -20.76
C ASP C 131 5.80 1.40 -19.43
N ARG C 132 4.82 2.30 -19.26
CA ARG C 132 4.68 3.12 -18.06
C ARG C 132 3.43 2.73 -17.24
N VAL C 133 2.79 1.62 -17.63
CA VAL C 133 1.56 1.16 -17.00
C VAL C 133 1.73 -0.31 -16.63
N ASN C 134 1.43 -0.65 -15.38
CA ASN C 134 1.52 -2.03 -14.97
C ASN C 134 0.36 -2.49 -14.13
N VAL C 135 -0.03 -3.75 -14.31
CA VAL C 135 -1.15 -4.39 -13.60
C VAL C 135 -0.73 -5.81 -13.17
N LYS C 136 -0.96 -6.13 -11.90
CA LYS C 136 -0.51 -7.41 -11.34
C LYS C 136 -1.72 -8.09 -10.72
N ALA C 137 -1.78 -9.42 -10.77
CA ALA C 137 -2.92 -10.12 -10.23
C ALA C 137 -2.49 -11.10 -9.16
N LYS C 138 -3.35 -11.24 -8.15
CA LYS C 138 -3.06 -12.02 -6.95
C LYS C 138 -4.36 -12.61 -6.49
N THR C 139 -4.30 -13.78 -5.84
CA THR C 139 -5.41 -14.27 -5.04
C THR C 139 -5.18 -13.88 -3.57
N ASN C 140 -6.14 -14.17 -2.70
CA ASN C 140 -5.94 -13.93 -1.28
C ASN C 140 -5.74 -15.20 -0.47
N GLU C 141 -5.24 -16.26 -1.13
CA GLU C 141 -4.92 -17.53 -0.47
C GLU C 141 -6.04 -17.99 0.46
N LYS C 142 -7.28 -17.85 -0.02
CA LYS C 142 -8.50 -18.30 0.67
C LYS C 142 -8.80 -17.60 1.99
N LEU C 143 -8.19 -16.44 2.21
CA LEU C 143 -8.33 -15.70 3.47
C LEU C 143 -9.33 -14.57 3.37
N GLY C 144 -10.17 -14.44 4.40
CA GLY C 144 -11.11 -13.33 4.52
C GLY C 144 -12.15 -13.26 3.40
N TYR C 145 -12.91 -12.17 3.38
CA TYR C 145 -13.93 -11.94 2.37
C TYR C 145 -13.41 -12.06 0.93
N LEU C 146 -12.18 -11.59 0.68
CA LEU C 146 -11.56 -11.77 -0.64
C LEU C 146 -11.37 -13.26 -0.97
N GLY C 147 -10.94 -14.02 0.03
CA GLY C 147 -10.65 -15.44 -0.14
C GLY C 147 -11.90 -16.28 -0.36
N ARG C 148 -13.01 -15.82 0.20
CA ARG C 148 -14.33 -16.42 0.00
C ARG C 148 -15.03 -15.91 -1.28
N GLY C 149 -14.38 -15.04 -2.04
CA GLY C 149 -14.96 -14.50 -3.28
C GLY C 149 -16.16 -13.61 -2.99
N GLU C 150 -16.07 -12.83 -1.92
CA GLU C 150 -17.14 -11.90 -1.58
C GLU C 150 -16.88 -10.48 -2.10
N GLY C 151 -15.62 -10.20 -2.39
CA GLY C 151 -15.25 -8.95 -3.03
C GLY C 151 -13.97 -9.08 -3.82
N ILE C 152 -13.58 -8.00 -4.49
CA ILE C 152 -12.30 -7.93 -5.21
C ILE C 152 -11.68 -6.59 -4.84
N GLU C 153 -10.37 -6.62 -4.57
CA GLU C 153 -9.65 -5.43 -4.12
C GLU C 153 -8.68 -5.01 -5.21
N ALA C 154 -8.40 -3.71 -5.28
CA ALA C 154 -7.31 -3.18 -6.12
C ALA C 154 -6.48 -2.18 -5.33
N GLN C 155 -5.17 -2.23 -5.55
CA GLN C 155 -4.25 -1.24 -5.03
C GLN C 155 -3.54 -0.58 -6.19
N ALA C 156 -3.15 0.67 -6.02
CA ALA C 156 -2.44 1.37 -7.05
C ALA C 156 -1.43 2.34 -6.48
N ALA C 157 -0.37 2.54 -7.25
CA ALA C 157 0.62 3.53 -6.97
C ALA C 157 0.83 4.31 -8.26
N ALA C 158 0.93 5.66 -8.15
CA ALA C 158 1.19 6.53 -9.28
C ALA C 158 2.32 7.51 -8.99
N LEU C 159 3.22 7.69 -9.97
CA LEU C 159 4.22 8.73 -9.90
C LEU C 159 3.90 9.84 -10.89
N VAL C 160 3.86 11.09 -10.43
CA VAL C 160 3.65 12.21 -11.33
C VAL C 160 4.76 13.24 -11.13
N VAL C 161 4.86 14.17 -12.07
CA VAL C 161 5.76 15.31 -11.91
C VAL C 161 5.10 16.61 -12.34
N ARG C 162 5.38 17.69 -11.60
CA ARG C 162 4.89 19.02 -11.98
C ARG C 162 5.92 19.70 -12.86
#